data_2EWS
#
_entry.id   2EWS
#
_cell.length_a   104.044
_cell.length_b   104.044
_cell.length_c   85.718
_cell.angle_alpha   90.00
_cell.angle_beta   90.00
_cell.angle_gamma   120.00
#
_symmetry.space_group_name_H-M   'P 63'
#
loop_
_entity.id
_entity.type
_entity.pdbx_description
1 polymer 'Pantothenate kinase'
2 non-polymer 'MAGNESIUM ION'
3 non-polymer 'PHOSPHOAMINOPHOSPHONIC ACID-ADENYLATE ESTER'
4 water water
#
_entity_poly.entity_id   1
_entity_poly.type   'polypeptide(L)'
_entity_poly.pdbx_seq_one_letter_code
;MGSSHHHHHHSSGLVPRGSHMKVGIDAGGTLIKIVQEQDNQRTFKTELTKNIDQVVEWLNQQQIEKLCLTGGNAGVIAEN
INIPAQIFVEFDAASQGLGILLKEQGHDLADYIFANVGTGTSLHYFDGQSQRRVGGIGTGGGMIQGLGYLLSQITDYKQL
TDMAQHGDRNTIDLKVRHIYKDTEPPIPGDLTAANFGHVLHHLDADFTPSNKLAAVIGVVGEVVTTMAITVAREFKTENI
VYIGSSFHNNALLRKVVEDYTVLRGCKPYYVENGAFSGAIGALYLEK
;
_entity_poly.pdbx_strand_id   A,B
#
# COMPACT_ATOMS: atom_id res chain seq x y z
N MET A 21 41.76 -5.55 -8.44
CA MET A 21 40.29 -5.61 -8.65
C MET A 21 39.62 -4.25 -8.48
N LYS A 22 38.37 -4.17 -8.91
CA LYS A 22 37.56 -2.96 -8.80
C LYS A 22 36.41 -3.31 -7.88
N VAL A 23 36.01 -2.38 -7.02
CA VAL A 23 34.92 -2.65 -6.09
C VAL A 23 33.79 -1.61 -6.16
N GLY A 24 32.58 -2.11 -6.34
CA GLY A 24 31.41 -1.23 -6.38
C GLY A 24 30.58 -1.58 -5.15
N ILE A 25 30.22 -0.58 -4.36
CA ILE A 25 29.44 -0.83 -3.16
C ILE A 25 28.22 0.08 -3.00
N ASP A 26 27.10 -0.55 -2.64
CA ASP A 26 25.84 0.15 -2.40
C ASP A 26 25.56 -0.04 -0.92
N ALA A 27 25.82 1.00 -0.13
CA ALA A 27 25.62 0.91 1.31
C ALA A 27 24.30 1.51 1.74
N GLY A 28 23.26 0.67 1.73
CA GLY A 28 21.93 1.12 2.11
C GLY A 28 21.70 1.14 3.61
N GLY A 29 20.50 1.52 4.02
CA GLY A 29 20.19 1.58 5.44
C GLY A 29 20.07 0.24 6.12
N THR A 30 19.85 -0.82 5.34
CA THR A 30 19.72 -2.14 5.94
C THR A 30 20.80 -3.10 5.46
N LEU A 31 21.01 -3.20 4.16
CA LEU A 31 22.04 -4.09 3.61
C LEU A 31 23.12 -3.36 2.82
N ILE A 32 24.32 -3.93 2.82
CA ILE A 32 25.44 -3.37 2.08
C ILE A 32 25.73 -4.38 0.98
N LYS A 33 25.51 -3.96 -0.27
CA LYS A 33 25.75 -4.81 -1.43
C LYS A 33 27.11 -4.49 -2.04
N ILE A 34 27.92 -5.53 -2.23
CA ILE A 34 29.27 -5.38 -2.77
C ILE A 34 29.53 -6.17 -4.05
N VAL A 35 30.09 -5.53 -5.06
CA VAL A 35 30.43 -6.22 -6.30
C VAL A 35 31.93 -6.10 -6.53
N GLN A 36 32.63 -7.23 -6.53
CA GLN A 36 34.07 -7.24 -6.78
C GLN A 36 34.23 -7.66 -8.23
N GLU A 37 35.04 -6.94 -8.98
CA GLU A 37 35.27 -7.28 -10.38
C GLU A 37 36.77 -7.42 -10.61
N GLN A 38 37.15 -8.50 -11.30
CA GLN A 38 38.56 -8.78 -11.60
C GLN A 38 38.67 -9.86 -12.67
N ASP A 39 39.56 -9.66 -13.64
CA ASP A 39 39.75 -10.61 -14.73
C ASP A 39 38.45 -10.96 -15.45
N ASN A 40 37.57 -9.97 -15.56
CA ASN A 40 36.28 -10.18 -16.20
C ASN A 40 35.52 -11.31 -15.51
N GLN A 41 35.33 -11.12 -14.21
CA GLN A 41 34.62 -12.04 -13.33
C GLN A 41 34.15 -11.21 -12.15
N ARG A 42 32.85 -11.11 -11.96
CA ARG A 42 32.38 -10.35 -10.82
C ARG A 42 31.79 -11.23 -9.73
N THR A 43 32.12 -10.90 -8.49
CA THR A 43 31.63 -11.63 -7.33
C THR A 43 30.66 -10.73 -6.58
N PHE A 44 29.54 -11.30 -6.16
CA PHE A 44 28.54 -10.54 -5.41
C PHE A 44 28.67 -10.91 -3.94
N LYS A 45 28.52 -9.93 -3.07
CA LYS A 45 28.59 -10.17 -1.64
C LYS A 45 27.64 -9.23 -0.94
N THR A 46 26.97 -9.75 0.08
CA THR A 46 26.02 -8.95 0.84
C THR A 46 26.36 -9.00 2.31
N GLU A 47 26.34 -7.84 2.95
CA GLU A 47 26.62 -7.75 4.37
C GLU A 47 25.56 -6.84 5.00
N LEU A 48 25.33 -7.01 6.29
CA LEU A 48 24.34 -6.18 6.97
C LEU A 48 24.95 -4.81 7.25
N THR A 49 24.13 -3.78 7.22
CA THR A 49 24.62 -2.43 7.48
C THR A 49 25.09 -2.30 8.92
N LYS A 50 24.56 -3.14 9.81
CA LYS A 50 24.98 -3.08 11.21
C LYS A 50 26.43 -3.52 11.35
N ASN A 51 26.94 -4.24 10.34
CA ASN A 51 28.33 -4.70 10.34
C ASN A 51 29.18 -3.89 9.37
N ILE A 52 28.78 -2.63 9.14
CA ILE A 52 29.50 -1.76 8.23
C ILE A 52 30.99 -1.61 8.58
N ASP A 53 31.31 -1.59 9.88
CA ASP A 53 32.71 -1.47 10.28
C ASP A 53 33.54 -2.64 9.80
N GLN A 54 32.90 -3.79 9.67
CA GLN A 54 33.57 -5.00 9.20
C GLN A 54 33.87 -4.85 7.73
N VAL A 55 32.98 -4.16 7.01
CA VAL A 55 33.18 -3.94 5.58
C VAL A 55 34.34 -2.97 5.44
N VAL A 56 34.42 -2.00 6.36
CA VAL A 56 35.49 -1.02 6.34
C VAL A 56 36.84 -1.73 6.52
N GLU A 57 36.96 -2.57 7.54
CA GLU A 57 38.21 -3.31 7.78
C GLU A 57 38.58 -4.16 6.58
N TRP A 58 37.58 -4.84 6.02
CA TRP A 58 37.78 -5.69 4.86
C TRP A 58 38.38 -4.91 3.70
N LEU A 59 37.86 -3.69 3.49
CA LEU A 59 38.34 -2.84 2.41
C LEU A 59 39.80 -2.43 2.61
N ASN A 60 40.14 -2.06 3.84
CA ASN A 60 41.50 -1.62 4.14
C ASN A 60 42.57 -2.70 4.03
N GLN A 61 42.16 -3.97 4.14
CA GLN A 61 43.11 -5.07 4.07
C GLN A 61 43.13 -5.61 2.65
N GLN A 62 42.66 -4.81 1.71
CA GLN A 62 42.56 -5.20 0.30
C GLN A 62 43.27 -4.21 -0.63
N GLN A 63 43.85 -4.70 -1.71
CA GLN A 63 44.50 -3.83 -2.67
C GLN A 63 43.47 -3.58 -3.76
N ILE A 64 42.99 -2.35 -3.83
CA ILE A 64 41.96 -1.99 -4.79
C ILE A 64 42.34 -0.92 -5.80
N GLU A 65 42.10 -1.24 -7.07
CA GLU A 65 42.36 -0.33 -8.18
C GLU A 65 41.41 0.87 -8.08
N LYS A 66 40.11 0.60 -8.08
CA LYS A 66 39.09 1.65 -7.97
C LYS A 66 37.96 1.25 -7.03
N LEU A 67 37.51 2.20 -6.21
CA LEU A 67 36.40 1.96 -5.30
C LEU A 67 35.29 2.94 -5.66
N CYS A 68 34.12 2.40 -5.98
CA CYS A 68 32.97 3.24 -6.34
C CYS A 68 31.87 2.95 -5.32
N LEU A 69 31.31 4.00 -4.73
CA LEU A 69 30.29 3.84 -3.70
C LEU A 69 28.97 4.57 -3.99
N THR A 70 27.89 4.08 -3.37
CA THR A 70 26.58 4.71 -3.49
C THR A 70 25.74 4.25 -2.30
N GLY A 71 24.56 4.83 -2.14
CA GLY A 71 23.70 4.45 -1.03
C GLY A 71 23.83 5.46 0.07
N GLY A 72 22.87 5.47 0.99
CA GLY A 72 22.89 6.43 2.08
C GLY A 72 24.06 6.34 3.04
N ASN A 73 24.74 5.20 3.07
CA ASN A 73 25.86 5.03 3.97
C ASN A 73 27.23 5.04 3.30
N ALA A 74 27.28 5.53 2.07
CA ALA A 74 28.54 5.57 1.34
C ALA A 74 29.56 6.41 2.11
N GLY A 75 29.08 7.53 2.67
CA GLY A 75 29.94 8.42 3.41
C GLY A 75 30.58 7.78 4.63
N VAL A 76 29.82 6.94 5.33
CA VAL A 76 30.33 6.27 6.52
C VAL A 76 31.53 5.39 6.17
N ILE A 77 31.45 4.73 5.02
CA ILE A 77 32.54 3.87 4.56
C ILE A 77 33.71 4.71 4.04
N ALA A 78 33.39 5.76 3.30
CA ALA A 78 34.39 6.64 2.71
C ALA A 78 35.30 7.36 3.70
N GLU A 79 34.72 7.91 4.75
CA GLU A 79 35.49 8.65 5.75
C GLU A 79 36.30 7.77 6.69
N ASN A 80 36.17 6.46 6.56
CA ASN A 80 36.91 5.55 7.43
C ASN A 80 37.86 4.61 6.70
N ILE A 81 38.05 4.80 5.40
CA ILE A 81 38.96 3.95 4.65
C ILE A 81 40.24 4.72 4.29
N ASN A 82 41.21 4.04 3.68
CA ASN A 82 42.46 4.67 3.35
C ASN A 82 42.79 4.89 1.87
N ILE A 83 41.76 4.87 1.02
CA ILE A 83 41.95 5.14 -0.41
C ILE A 83 40.81 6.08 -0.82
N PRO A 84 41.01 6.84 -1.91
CA PRO A 84 39.93 7.76 -2.32
C PRO A 84 38.78 6.91 -2.86
N ALA A 85 37.60 7.50 -2.95
CA ALA A 85 36.44 6.78 -3.45
C ALA A 85 35.53 7.66 -4.28
N GLN A 86 35.05 7.13 -5.40
CA GLN A 86 34.13 7.88 -6.24
C GLN A 86 32.73 7.53 -5.75
N ILE A 87 31.99 8.54 -5.33
CA ILE A 87 30.65 8.34 -4.81
C ILE A 87 29.64 8.82 -5.86
N PHE A 88 28.55 8.07 -6.03
CA PHE A 88 27.53 8.42 -7.01
C PHE A 88 26.15 8.45 -6.38
N VAL A 89 25.26 9.22 -6.98
CA VAL A 89 23.89 9.35 -6.52
C VAL A 89 23.22 8.00 -6.81
N GLU A 90 22.59 7.44 -5.79
CA GLU A 90 21.99 6.12 -5.93
C GLU A 90 20.96 5.85 -7.04
N PHE A 91 20.06 6.77 -7.33
CA PHE A 91 19.07 6.48 -8.36
C PHE A 91 19.72 6.29 -9.72
N ASP A 92 20.70 7.12 -10.07
CA ASP A 92 21.33 6.97 -11.38
C ASP A 92 22.23 5.74 -11.41
N ALA A 93 22.85 5.42 -10.28
CA ALA A 93 23.70 4.24 -10.22
C ALA A 93 22.82 2.99 -10.40
N ALA A 94 21.71 2.95 -9.68
CA ALA A 94 20.80 1.83 -9.76
C ALA A 94 20.32 1.67 -11.19
N SER A 95 19.90 2.79 -11.78
CA SER A 95 19.42 2.77 -13.14
C SER A 95 20.45 2.20 -14.10
N GLN A 96 21.70 2.65 -13.98
CA GLN A 96 22.77 2.16 -14.87
C GLN A 96 23.04 0.67 -14.62
N GLY A 97 23.14 0.30 -13.35
CA GLY A 97 23.39 -1.10 -13.02
C GLY A 97 22.28 -2.00 -13.54
N LEU A 98 21.04 -1.58 -13.37
CA LEU A 98 19.90 -2.35 -13.83
C LEU A 98 19.93 -2.55 -15.34
N GLY A 99 20.23 -1.49 -16.07
CA GLY A 99 20.30 -1.57 -17.52
C GLY A 99 21.31 -2.61 -17.96
N ILE A 100 22.45 -2.65 -17.27
CA ILE A 100 23.50 -3.60 -17.59
C ILE A 100 23.03 -5.04 -17.35
N LEU A 101 22.42 -5.28 -16.20
CA LEU A 101 21.94 -6.61 -15.88
C LEU A 101 20.83 -7.07 -16.83
N LEU A 102 19.93 -6.15 -17.19
CA LEU A 102 18.84 -6.49 -18.11
C LEU A 102 19.42 -7.02 -19.43
N LYS A 103 20.32 -6.25 -20.04
CA LYS A 103 20.92 -6.68 -21.29
C LYS A 103 21.67 -8.01 -21.18
N GLU A 104 22.38 -8.22 -20.07
CA GLU A 104 23.11 -9.47 -19.87
C GLU A 104 22.16 -10.65 -19.74
N GLN A 105 20.92 -10.36 -19.35
CA GLN A 105 19.94 -11.41 -19.17
C GLN A 105 18.92 -11.51 -20.29
N GLY A 106 19.26 -10.94 -21.44
CA GLY A 106 18.39 -11.01 -22.61
C GLY A 106 17.22 -10.07 -22.76
N HIS A 107 17.04 -9.15 -21.83
CA HIS A 107 15.92 -8.23 -21.92
C HIS A 107 16.30 -6.94 -22.63
N ASP A 108 15.56 -6.59 -23.67
CA ASP A 108 15.83 -5.38 -24.43
C ASP A 108 14.58 -4.52 -24.41
N LEU A 109 14.41 -3.75 -23.34
CA LEU A 109 13.24 -2.90 -23.19
C LEU A 109 13.48 -1.46 -23.60
N ALA A 110 12.50 -0.88 -24.30
CA ALA A 110 12.58 0.50 -24.77
C ALA A 110 12.31 1.48 -23.64
N ASP A 111 11.56 1.03 -22.65
CA ASP A 111 11.24 1.85 -21.49
C ASP A 111 10.58 0.95 -20.46
N TYR A 112 10.52 1.44 -19.22
CA TYR A 112 9.92 0.65 -18.16
C TYR A 112 9.92 1.37 -16.84
N ILE A 113 9.14 0.84 -15.91
CA ILE A 113 9.07 1.37 -14.56
C ILE A 113 9.91 0.36 -13.80
N PHE A 114 10.75 0.82 -12.88
CA PHE A 114 11.47 -0.13 -12.07
C PHE A 114 11.20 0.24 -10.63
N ALA A 115 10.84 -0.78 -9.86
CA ALA A 115 10.51 -0.63 -8.45
C ALA A 115 11.63 -1.25 -7.65
N ASN A 116 12.30 -0.43 -6.86
CA ASN A 116 13.38 -0.90 -6.01
C ASN A 116 12.78 -1.18 -4.64
N VAL A 117 12.46 -2.44 -4.40
CA VAL A 117 11.85 -2.85 -3.15
C VAL A 117 12.92 -3.13 -2.09
N GLY A 118 13.35 -2.08 -1.39
CA GLY A 118 14.36 -2.22 -0.37
C GLY A 118 13.73 -2.09 1.01
N THR A 119 14.31 -1.27 1.86
CA THR A 119 13.74 -1.08 3.19
C THR A 119 12.33 -0.55 2.94
N GLY A 120 12.24 0.39 2.02
CA GLY A 120 10.97 0.96 1.62
C GLY A 120 10.94 0.73 0.12
N THR A 121 9.97 1.31 -0.59
CA THR A 121 9.91 1.09 -2.03
C THR A 121 9.94 2.40 -2.82
N SER A 122 10.85 2.46 -3.79
CA SER A 122 11.03 3.62 -4.64
C SER A 122 10.65 3.20 -6.05
N LEU A 123 9.90 4.05 -6.74
CA LEU A 123 9.43 3.78 -8.11
C LEU A 123 10.06 4.76 -9.07
N HIS A 124 10.58 4.23 -10.18
CA HIS A 124 11.25 5.06 -11.17
C HIS A 124 10.81 4.75 -12.58
N TYR A 125 10.71 5.78 -13.42
CA TYR A 125 10.33 5.60 -14.81
C TYR A 125 11.57 5.81 -15.65
N PHE A 126 11.91 4.81 -16.45
CA PHE A 126 13.08 4.87 -17.33
C PHE A 126 12.54 5.01 -18.76
N ASP A 127 12.79 6.17 -19.37
CA ASP A 127 12.31 6.45 -20.72
C ASP A 127 13.13 5.84 -21.85
N GLY A 128 14.22 5.17 -21.51
CA GLY A 128 15.05 4.56 -22.53
C GLY A 128 16.43 5.18 -22.55
N GLN A 129 16.56 6.30 -21.84
CA GLN A 129 17.83 7.00 -21.77
C GLN A 129 18.19 7.38 -20.34
N SER A 130 17.20 7.85 -19.58
CA SER A 130 17.45 8.24 -18.20
C SER A 130 16.29 7.84 -17.28
N GLN A 131 16.51 7.99 -15.98
CA GLN A 131 15.49 7.66 -14.99
C GLN A 131 15.12 8.89 -14.18
N ARG A 132 13.94 8.86 -13.58
CA ARG A 132 13.44 9.93 -12.73
C ARG A 132 12.58 9.21 -11.69
N ARG A 133 12.62 9.67 -10.45
CA ARG A 133 11.83 9.06 -9.39
C ARG A 133 10.40 9.58 -9.53
N VAL A 134 9.45 8.66 -9.64
CA VAL A 134 8.04 9.04 -9.80
C VAL A 134 7.17 8.59 -8.64
N GLY A 135 7.80 8.02 -7.62
CA GLY A 135 7.02 7.57 -6.48
C GLY A 135 7.79 6.79 -5.45
N GLY A 136 7.21 6.69 -4.26
CA GLY A 136 7.83 5.97 -3.18
C GLY A 136 6.71 5.59 -2.23
N ILE A 137 6.96 4.59 -1.40
CA ILE A 137 5.94 4.17 -0.46
C ILE A 137 6.60 3.40 0.67
N GLY A 138 5.99 3.47 1.85
CA GLY A 138 6.55 2.81 3.02
C GLY A 138 6.39 1.30 3.08
N THR A 139 5.80 0.70 2.05
CA THR A 139 5.62 -0.75 2.05
C THR A 139 6.77 -1.43 1.31
N GLY A 140 7.53 -2.24 2.02
CA GLY A 140 8.64 -2.93 1.40
C GLY A 140 9.27 -3.93 2.37
N GLY A 141 10.55 -4.20 2.20
CA GLY A 141 11.26 -5.14 3.06
C GLY A 141 11.26 -4.84 4.54
N GLY A 142 11.33 -3.58 4.92
CA GLY A 142 11.34 -3.23 6.33
C GLY A 142 10.01 -3.64 6.99
N MET A 143 8.92 -3.50 6.25
CA MET A 143 7.59 -3.87 6.75
C MET A 143 7.50 -5.40 6.84
N ILE A 144 8.03 -6.09 5.84
CA ILE A 144 8.00 -7.54 5.86
C ILE A 144 8.67 -8.01 7.13
N GLN A 145 9.84 -7.44 7.44
CA GLN A 145 10.58 -7.80 8.64
C GLN A 145 9.88 -7.32 9.90
N GLY A 146 9.48 -6.06 9.89
CA GLY A 146 8.83 -5.47 11.06
C GLY A 146 7.51 -6.10 11.41
N LEU A 147 6.54 -5.96 10.52
CA LEU A 147 5.23 -6.56 10.78
C LEU A 147 5.39 -8.07 10.92
N GLY A 148 6.29 -8.65 10.14
CA GLY A 148 6.53 -10.09 10.22
C GLY A 148 6.92 -10.47 11.63
N TYR A 149 7.79 -9.67 12.25
CA TYR A 149 8.22 -9.94 13.61
C TYR A 149 7.07 -9.82 14.60
N LEU A 150 6.26 -8.77 14.45
CA LEU A 150 5.12 -8.57 15.34
C LEU A 150 4.12 -9.73 15.32
N LEU A 151 3.98 -10.37 14.16
CA LEU A 151 3.05 -11.49 14.00
C LEU A 151 3.62 -12.89 14.25
N SER A 152 4.94 -13.01 14.38
CA SER A 152 5.54 -14.33 14.59
C SER A 152 6.69 -14.37 15.60
N GLN A 153 7.15 -13.20 16.03
CA GLN A 153 8.25 -13.12 16.98
C GLN A 153 9.55 -13.65 16.37
N ILE A 154 9.61 -13.68 15.04
CA ILE A 154 10.81 -14.14 14.35
C ILE A 154 11.67 -12.95 13.89
N THR A 155 12.92 -12.93 14.34
CA THR A 155 13.84 -11.85 13.99
C THR A 155 14.81 -12.22 12.87
N ASP A 156 15.15 -13.50 12.78
CA ASP A 156 16.08 -13.96 11.75
C ASP A 156 15.41 -13.93 10.38
N TYR A 157 15.98 -13.13 9.47
CA TYR A 157 15.44 -12.98 8.13
C TYR A 157 15.19 -14.27 7.36
N LYS A 158 16.15 -15.19 7.36
CA LYS A 158 15.99 -16.43 6.63
C LYS A 158 14.84 -17.27 7.21
N GLN A 159 14.80 -17.35 8.54
CA GLN A 159 13.77 -18.11 9.24
C GLN A 159 12.41 -17.52 8.92
N LEU A 160 12.33 -16.19 8.98
CA LEU A 160 11.10 -15.47 8.70
C LEU A 160 10.60 -15.79 7.30
N THR A 161 11.43 -15.52 6.30
CA THR A 161 11.06 -15.77 4.92
C THR A 161 10.80 -17.24 4.57
N ASP A 162 11.67 -18.14 5.05
CA ASP A 162 11.48 -19.58 4.79
C ASP A 162 10.11 -20.03 5.25
N MET A 163 9.74 -19.65 6.46
CA MET A 163 8.46 -19.99 7.06
C MET A 163 7.27 -19.49 6.24
N ALA A 164 7.37 -18.25 5.77
CA ALA A 164 6.29 -17.64 4.99
C ALA A 164 5.97 -18.35 3.68
N GLN A 165 6.98 -18.99 3.10
CA GLN A 165 6.82 -19.67 1.81
C GLN A 165 5.67 -20.66 1.70
N HIS A 166 5.42 -21.42 2.75
CA HIS A 166 4.36 -22.43 2.69
C HIS A 166 3.02 -22.01 3.30
N GLY A 167 2.88 -20.73 3.61
CA GLY A 167 1.65 -20.23 4.20
C GLY A 167 0.46 -20.17 3.26
N ASP A 168 -0.74 -20.23 3.84
CA ASP A 168 -1.97 -20.17 3.06
C ASP A 168 -2.67 -18.89 3.47
N ARG A 169 -3.01 -18.06 2.49
CA ARG A 169 -3.66 -16.78 2.72
C ARG A 169 -5.20 -16.79 2.63
N ASN A 170 -5.77 -17.90 2.18
CA ASN A 170 -7.22 -17.97 2.02
C ASN A 170 -8.11 -17.64 3.21
N THR A 171 -7.67 -17.95 4.42
CA THR A 171 -8.50 -17.65 5.60
C THR A 171 -8.23 -16.24 6.11
N ILE A 172 -7.25 -15.57 5.51
CA ILE A 172 -6.90 -14.23 5.96
C ILE A 172 -7.31 -13.11 5.02
N ASP A 173 -7.07 -13.31 3.74
CA ASP A 173 -7.39 -12.29 2.74
C ASP A 173 -8.78 -12.47 2.12
N LEU A 174 -9.48 -11.37 1.91
CA LEU A 174 -10.79 -11.40 1.27
C LEU A 174 -10.56 -11.08 -0.21
N LYS A 175 -10.91 -12.00 -1.10
CA LYS A 175 -10.71 -11.80 -2.53
C LYS A 175 -12.01 -11.61 -3.28
N VAL A 176 -11.89 -11.20 -4.54
CA VAL A 176 -13.05 -11.03 -5.38
C VAL A 176 -13.70 -12.42 -5.50
N ARG A 177 -12.84 -13.43 -5.61
CA ARG A 177 -13.24 -14.82 -5.71
C ARG A 177 -14.25 -15.22 -4.63
N HIS A 178 -14.12 -14.60 -3.46
CA HIS A 178 -15.00 -14.87 -2.32
C HIS A 178 -16.32 -14.12 -2.45
N ILE A 179 -16.22 -12.85 -2.84
CA ILE A 179 -17.42 -12.01 -3.00
C ILE A 179 -18.25 -12.52 -4.18
N ILE A 187 -12.84 -7.11 -13.35
CA ILE A 187 -11.96 -7.52 -12.20
C ILE A 187 -11.87 -9.04 -12.06
N PRO A 188 -10.68 -9.60 -12.30
CA PRO A 188 -10.46 -11.05 -12.18
C PRO A 188 -10.70 -11.50 -10.74
N GLY A 189 -11.26 -12.70 -10.57
CA GLY A 189 -11.53 -13.20 -9.24
C GLY A 189 -10.28 -13.38 -8.40
N ASP A 190 -9.13 -13.33 -9.06
CA ASP A 190 -7.84 -13.51 -8.40
C ASP A 190 -7.42 -12.26 -7.62
N LEU A 191 -8.12 -11.15 -7.83
CA LEU A 191 -7.82 -9.90 -7.13
C LEU A 191 -8.22 -9.89 -5.66
N THR A 192 -7.35 -9.34 -4.81
CA THR A 192 -7.63 -9.24 -3.39
C THR A 192 -8.51 -8.00 -3.19
N ALA A 193 -9.69 -8.19 -2.62
CA ALA A 193 -10.58 -7.08 -2.37
C ALA A 193 -10.10 -6.34 -1.12
N ALA A 194 -9.70 -7.11 -0.12
CA ALA A 194 -9.20 -6.54 1.13
C ALA A 194 -8.18 -7.47 1.79
N ASN A 195 -6.95 -7.01 1.96
CA ASN A 195 -5.94 -7.83 2.62
C ASN A 195 -6.32 -7.93 4.09
N PHE A 196 -6.23 -9.14 4.62
CA PHE A 196 -6.59 -9.43 6.02
C PHE A 196 -8.10 -9.26 6.26
N GLY A 197 -8.86 -9.04 5.18
CA GLY A 197 -10.30 -8.84 5.30
C GLY A 197 -11.16 -10.09 5.50
N HIS A 198 -10.53 -11.23 5.65
CA HIS A 198 -11.25 -12.47 5.84
C HIS A 198 -11.10 -12.98 7.25
N VAL A 199 -10.12 -12.45 7.96
CA VAL A 199 -9.85 -12.86 9.33
C VAL A 199 -11.09 -12.96 10.23
N LEU A 200 -11.90 -11.91 10.26
CA LEU A 200 -13.09 -11.94 11.11
C LEU A 200 -14.15 -12.93 10.63
N HIS A 201 -13.83 -13.71 9.60
CA HIS A 201 -14.76 -14.69 9.08
C HIS A 201 -14.21 -16.09 9.37
N HIS A 202 -13.04 -16.17 10.00
CA HIS A 202 -12.43 -17.45 10.31
C HIS A 202 -11.79 -17.49 11.68
N LEU A 203 -12.48 -16.94 12.67
CA LEU A 203 -11.96 -16.93 14.03
C LEU A 203 -11.81 -18.34 14.58
N ASP A 204 -12.29 -19.30 13.80
CA ASP A 204 -12.21 -20.71 14.15
C ASP A 204 -10.90 -21.29 13.65
N ALA A 205 -10.36 -20.66 12.61
CA ALA A 205 -9.11 -21.09 11.99
C ALA A 205 -7.87 -20.99 12.87
N ASP A 206 -6.79 -21.59 12.40
CA ASP A 206 -5.53 -21.56 13.12
C ASP A 206 -4.62 -20.61 12.37
N PHE A 207 -4.59 -19.35 12.79
CA PHE A 207 -3.75 -18.36 12.14
C PHE A 207 -2.30 -18.69 12.49
N THR A 208 -1.74 -19.62 11.73
CA THR A 208 -0.38 -20.08 11.92
C THR A 208 0.64 -19.03 11.47
N PRO A 209 1.85 -19.08 12.05
CA PRO A 209 2.90 -18.13 11.70
C PRO A 209 3.11 -18.11 10.20
N SER A 210 3.09 -19.29 9.59
CA SER A 210 3.28 -19.41 8.15
C SER A 210 2.23 -18.66 7.35
N ASN A 211 0.97 -18.80 7.75
CA ASN A 211 -0.14 -18.15 7.06
C ASN A 211 -0.11 -16.62 7.23
N LYS A 212 0.12 -16.16 8.45
CA LYS A 212 0.16 -14.74 8.73
C LYS A 212 1.27 -14.05 7.94
N LEU A 213 2.44 -14.67 7.89
CA LEU A 213 3.58 -14.09 7.17
C LEU A 213 3.31 -14.02 5.68
N ALA A 214 2.63 -15.03 5.17
CA ALA A 214 2.30 -15.07 3.75
C ALA A 214 1.40 -13.89 3.42
N ALA A 215 0.48 -13.57 4.32
CA ALA A 215 -0.43 -12.45 4.10
C ALA A 215 0.35 -11.13 4.16
N VAL A 216 1.38 -11.06 5.01
CA VAL A 216 2.19 -9.85 5.14
C VAL A 216 2.87 -9.65 3.80
N ILE A 217 3.51 -10.70 3.30
CA ILE A 217 4.18 -10.64 2.01
C ILE A 217 3.17 -10.32 0.91
N GLY A 218 1.96 -10.88 1.05
CA GLY A 218 0.94 -10.62 0.07
C GLY A 218 0.58 -9.14 -0.05
N VAL A 219 0.32 -8.47 1.08
CA VAL A 219 -0.06 -7.07 1.00
C VAL A 219 1.10 -6.20 0.54
N VAL A 220 2.32 -6.51 0.98
CA VAL A 220 3.45 -5.71 0.54
C VAL A 220 3.59 -5.86 -0.96
N GLY A 221 3.57 -7.10 -1.44
CA GLY A 221 3.70 -7.34 -2.86
C GLY A 221 2.60 -6.65 -3.66
N GLU A 222 1.36 -6.79 -3.22
CA GLU A 222 0.24 -6.18 -3.94
C GLU A 222 0.28 -4.65 -3.96
N VAL A 223 0.57 -4.04 -2.82
CA VAL A 223 0.65 -2.58 -2.76
C VAL A 223 1.74 -2.08 -3.72
N VAL A 224 2.90 -2.72 -3.65
CA VAL A 224 4.01 -2.35 -4.52
C VAL A 224 3.57 -2.46 -5.97
N THR A 225 2.98 -3.59 -6.31
CA THR A 225 2.52 -3.79 -7.68
C THR A 225 1.47 -2.77 -8.08
N THR A 226 0.51 -2.52 -7.19
CA THR A 226 -0.55 -1.55 -7.52
C THR A 226 0.03 -0.17 -7.79
N MET A 227 1.04 0.22 -7.02
CA MET A 227 1.65 1.54 -7.23
C MET A 227 2.39 1.49 -8.55
N ALA A 228 3.12 0.40 -8.78
CA ALA A 228 3.90 0.23 -10.00
C ALA A 228 3.07 0.28 -11.29
N ILE A 229 1.98 -0.47 -11.35
CA ILE A 229 1.18 -0.46 -12.56
C ILE A 229 0.45 0.88 -12.74
N THR A 230 0.27 1.61 -11.65
CA THR A 230 -0.38 2.91 -11.75
C THR A 230 0.58 3.88 -12.48
N VAL A 231 1.83 3.96 -12.01
CA VAL A 231 2.77 4.84 -12.68
C VAL A 231 3.12 4.32 -14.08
N ALA A 232 3.05 3.01 -14.29
CA ALA A 232 3.33 2.45 -15.60
C ALA A 232 2.29 3.00 -16.58
N ARG A 233 1.03 3.05 -16.14
CA ARG A 233 -0.04 3.56 -16.97
C ARG A 233 0.20 5.06 -17.21
N GLU A 234 0.47 5.78 -16.14
CA GLU A 234 0.73 7.22 -16.21
C GLU A 234 1.85 7.57 -17.19
N PHE A 235 2.95 6.81 -17.17
CA PHE A 235 4.06 7.09 -18.06
C PHE A 235 4.07 6.23 -19.31
N LYS A 236 2.89 5.67 -19.60
CA LYS A 236 2.62 4.84 -20.76
C LYS A 236 3.67 3.79 -21.12
N THR A 237 3.91 2.89 -20.19
CA THR A 237 4.83 1.79 -20.42
C THR A 237 4.10 0.62 -19.78
N GLU A 238 4.28 -0.57 -20.34
CA GLU A 238 3.62 -1.73 -19.77
C GLU A 238 4.65 -2.64 -19.11
N ASN A 239 5.91 -2.23 -19.16
CA ASN A 239 7.00 -3.00 -18.57
C ASN A 239 7.32 -2.56 -17.15
N ILE A 240 7.47 -3.52 -16.26
CA ILE A 240 7.79 -3.22 -14.87
C ILE A 240 8.91 -4.14 -14.39
N VAL A 241 10.05 -3.53 -14.07
CA VAL A 241 11.21 -4.26 -13.61
C VAL A 241 11.31 -4.19 -12.11
N TYR A 242 11.47 -5.34 -11.48
CA TYR A 242 11.55 -5.40 -10.04
C TYR A 242 12.95 -5.72 -9.50
N ILE A 243 13.43 -4.88 -8.59
CA ILE A 243 14.72 -5.09 -7.95
C ILE A 243 14.60 -4.85 -6.45
N GLY A 244 15.73 -4.95 -5.75
CA GLY A 244 15.73 -4.75 -4.32
C GLY A 244 15.99 -6.06 -3.61
N SER A 245 16.61 -5.99 -2.44
CA SER A 245 16.93 -7.20 -1.70
C SER A 245 15.73 -7.92 -1.07
N SER A 246 14.58 -7.24 -0.99
CA SER A 246 13.40 -7.85 -0.38
C SER A 246 13.02 -9.17 -1.03
N PHE A 247 13.43 -9.39 -2.26
CA PHE A 247 13.12 -10.63 -2.95
C PHE A 247 14.06 -11.77 -2.55
N HIS A 248 15.15 -11.43 -1.86
CA HIS A 248 16.12 -12.44 -1.43
C HIS A 248 15.55 -13.47 -0.47
N ASN A 249 15.69 -14.74 -0.84
CA ASN A 249 15.18 -15.86 -0.05
C ASN A 249 13.67 -15.72 0.15
N ASN A 250 13.01 -15.14 -0.82
CA ASN A 250 11.57 -14.97 -0.73
C ASN A 250 10.93 -15.20 -2.08
N ALA A 251 10.73 -16.48 -2.41
CA ALA A 251 10.11 -16.82 -3.68
C ALA A 251 8.70 -16.25 -3.74
N LEU A 252 7.98 -16.39 -2.64
CA LEU A 252 6.61 -15.91 -2.56
C LEU A 252 6.46 -14.45 -2.99
N LEU A 253 7.27 -13.55 -2.44
CA LEU A 253 7.16 -12.14 -2.80
C LEU A 253 7.27 -11.94 -4.30
N ARG A 254 8.22 -12.63 -4.93
CA ARG A 254 8.39 -12.52 -6.37
C ARG A 254 7.16 -13.05 -7.12
N LYS A 255 6.61 -14.17 -6.66
CA LYS A 255 5.43 -14.76 -7.29
C LYS A 255 4.24 -13.81 -7.15
N VAL A 256 4.07 -13.27 -5.95
CA VAL A 256 2.96 -12.34 -5.72
C VAL A 256 3.01 -11.18 -6.69
N VAL A 257 4.17 -10.52 -6.79
CA VAL A 257 4.30 -9.37 -7.68
C VAL A 257 4.18 -9.71 -9.16
N GLU A 258 4.87 -10.76 -9.62
CA GLU A 258 4.78 -11.15 -11.02
C GLU A 258 3.31 -11.43 -11.41
N ASP A 259 2.66 -12.30 -10.64
CA ASP A 259 1.26 -12.63 -10.91
C ASP A 259 0.36 -11.41 -10.90
N TYR A 260 0.41 -10.62 -9.83
CA TYR A 260 -0.44 -9.44 -9.73
C TYR A 260 -0.16 -8.46 -10.86
N THR A 261 1.10 -8.37 -11.26
CA THR A 261 1.47 -7.47 -12.36
C THR A 261 0.79 -7.94 -13.64
N VAL A 262 0.79 -9.24 -13.87
CA VAL A 262 0.14 -9.77 -15.06
C VAL A 262 -1.34 -9.48 -14.93
N LEU A 263 -1.92 -9.84 -13.79
CA LEU A 263 -3.35 -9.60 -13.56
C LEU A 263 -3.74 -8.16 -13.86
N ARG A 264 -2.98 -7.19 -13.36
CA ARG A 264 -3.32 -5.80 -13.62
C ARG A 264 -2.85 -5.34 -15.01
N GLY A 265 -2.51 -6.31 -15.86
CA GLY A 265 -2.12 -6.03 -17.24
C GLY A 265 -0.79 -5.46 -17.69
N CYS A 266 0.30 -5.73 -16.99
CA CYS A 266 1.60 -5.22 -17.41
C CYS A 266 2.56 -6.39 -17.45
N LYS A 267 3.76 -6.20 -17.98
CA LYS A 267 4.73 -7.28 -18.06
C LYS A 267 5.80 -7.13 -16.99
N PRO A 268 5.89 -8.10 -16.06
CA PRO A 268 6.89 -8.04 -14.99
C PRO A 268 8.22 -8.67 -15.38
N TYR A 269 9.30 -8.11 -14.85
CA TYR A 269 10.63 -8.64 -15.11
C TYR A 269 11.45 -8.70 -13.82
N TYR A 270 11.79 -9.91 -13.39
CA TYR A 270 12.62 -10.04 -12.20
C TYR A 270 14.06 -10.10 -12.72
N VAL A 271 14.99 -9.50 -11.98
CA VAL A 271 16.38 -9.49 -12.39
C VAL A 271 17.24 -10.25 -11.39
N GLU A 272 17.97 -11.26 -11.86
CA GLU A 272 18.83 -12.02 -10.94
C GLU A 272 19.91 -11.06 -10.46
N ASN A 273 20.14 -11.04 -9.16
CA ASN A 273 21.13 -10.14 -8.57
C ASN A 273 20.77 -8.68 -8.87
N GLY A 274 19.48 -8.41 -9.04
CA GLY A 274 19.01 -7.06 -9.30
C GLY A 274 19.25 -6.16 -8.10
N ALA A 275 19.38 -6.76 -6.92
CA ALA A 275 19.62 -5.99 -5.71
C ALA A 275 20.98 -5.29 -5.77
N PHE A 276 21.85 -5.77 -6.65
CA PHE A 276 23.19 -5.20 -6.82
C PHE A 276 23.27 -4.19 -7.95
N SER A 277 22.11 -3.72 -8.40
CA SER A 277 22.07 -2.75 -9.48
C SER A 277 22.86 -1.49 -9.12
N GLY A 278 22.71 -1.02 -7.89
CA GLY A 278 23.40 0.18 -7.45
C GLY A 278 24.92 -0.02 -7.43
N ALA A 279 25.37 -1.10 -6.81
CA ALA A 279 26.81 -1.40 -6.72
C ALA A 279 27.45 -1.55 -8.11
N ILE A 280 26.78 -2.28 -8.98
CA ILE A 280 27.27 -2.50 -10.34
C ILE A 280 27.23 -1.20 -11.13
N GLY A 281 26.17 -0.42 -10.93
CA GLY A 281 26.07 0.84 -11.64
C GLY A 281 27.16 1.79 -11.21
N ALA A 282 27.46 1.82 -9.92
CA ALA A 282 28.50 2.70 -9.39
C ALA A 282 29.85 2.37 -10.04
N LEU A 283 30.15 1.08 -10.14
CA LEU A 283 31.39 0.62 -10.74
C LEU A 283 31.46 1.04 -12.19
N TYR A 284 30.33 0.89 -12.89
CA TYR A 284 30.28 1.24 -14.30
C TYR A 284 30.47 2.72 -14.55
N LEU A 285 30.02 3.54 -13.62
CA LEU A 285 30.14 4.98 -13.78
C LEU A 285 31.52 5.58 -13.45
N GLU A 286 32.46 4.76 -12.98
CA GLU A 286 33.79 5.28 -12.65
C GLU A 286 34.42 5.94 -13.87
N LYS A 287 35.05 7.11 -13.64
CA LYS A 287 35.68 7.86 -14.72
C LYS A 287 37.20 7.66 -14.77
N MET B 21 -41.98 8.86 2.95
CA MET B 21 -40.55 9.25 3.01
C MET B 21 -39.74 8.63 1.87
N LYS B 22 -38.51 9.13 1.70
CA LYS B 22 -37.62 8.65 0.66
C LYS B 22 -36.43 7.96 1.33
N VAL B 23 -36.07 6.78 0.85
CA VAL B 23 -34.96 6.02 1.44
C VAL B 23 -33.88 5.62 0.44
N GLY B 24 -32.64 5.95 0.77
CA GLY B 24 -31.50 5.60 -0.04
C GLY B 24 -30.67 4.63 0.78
N ILE B 25 -30.33 3.49 0.19
CA ILE B 25 -29.53 2.46 0.87
C ILE B 25 -28.32 2.01 0.05
N ASP B 26 -27.17 1.96 0.69
CA ASP B 26 -25.94 1.50 0.07
C ASP B 26 -25.62 0.21 0.83
N ALA B 27 -26.00 -0.93 0.26
CA ALA B 27 -25.76 -2.20 0.92
C ALA B 27 -24.42 -2.78 0.52
N GLY B 28 -23.39 -2.48 1.31
CA GLY B 28 -22.06 -2.99 1.04
C GLY B 28 -21.80 -4.39 1.54
N GLY B 29 -20.59 -4.88 1.30
CA GLY B 29 -20.23 -6.21 1.73
C GLY B 29 -20.12 -6.32 3.24
N THR B 30 -19.84 -5.20 3.90
CA THR B 30 -19.70 -5.21 5.35
C THR B 30 -20.77 -4.38 6.06
N LEU B 31 -20.97 -3.15 5.62
CA LEU B 31 -21.98 -2.28 6.25
C LEU B 31 -23.10 -1.84 5.30
N ILE B 32 -24.31 -1.77 5.82
CA ILE B 32 -25.46 -1.31 5.06
C ILE B 32 -25.68 0.10 5.56
N LYS B 33 -25.50 1.09 4.68
CA LYS B 33 -25.73 2.49 5.04
C LYS B 33 -27.11 2.92 4.57
N ILE B 34 -27.92 3.41 5.50
CA ILE B 34 -29.29 3.84 5.20
C ILE B 34 -29.53 5.33 5.46
N VAL B 35 -30.04 6.03 4.45
CA VAL B 35 -30.36 7.45 4.56
C VAL B 35 -31.87 7.61 4.36
N GLN B 36 -32.51 8.35 5.26
CA GLN B 36 -33.94 8.60 5.15
C GLN B 36 -34.13 10.08 4.89
N GLU B 37 -34.77 10.43 3.79
CA GLU B 37 -34.98 11.83 3.48
C GLU B 37 -36.46 12.16 3.70
N GLN B 38 -36.71 12.98 4.71
CA GLN B 38 -38.06 13.40 5.07
C GLN B 38 -38.53 14.37 4.00
N ASP B 39 -39.08 15.52 4.39
CA ASP B 39 -39.49 16.49 3.37
C ASP B 39 -38.17 17.01 2.83
N ASN B 40 -37.35 17.54 3.74
CA ASN B 40 -36.01 18.04 3.41
C ASN B 40 -35.20 18.02 4.70
N GLN B 41 -35.13 16.83 5.30
CA GLN B 41 -34.41 16.58 6.53
C GLN B 41 -33.99 15.12 6.43
N ARG B 42 -32.70 14.84 6.56
CA ARG B 42 -32.25 13.45 6.46
C ARG B 42 -31.57 12.90 7.71
N THR B 43 -31.89 11.64 8.03
CA THR B 43 -31.32 10.93 9.17
C THR B 43 -30.43 9.80 8.64
N PHE B 44 -29.39 9.45 9.38
CA PHE B 44 -28.48 8.40 8.94
C PHE B 44 -28.51 7.18 9.84
N LYS B 45 -28.25 6.02 9.27
CA LYS B 45 -28.27 4.77 10.04
C LYS B 45 -27.43 3.68 9.40
N THR B 46 -26.60 3.02 10.19
CA THR B 46 -25.77 1.96 9.69
C THR B 46 -26.12 0.64 10.36
N GLU B 47 -26.12 -0.42 9.58
CA GLU B 47 -26.39 -1.74 10.10
C GLU B 47 -25.39 -2.68 9.47
N LEU B 48 -25.15 -3.81 10.14
CA LEU B 48 -24.21 -4.81 9.64
C LEU B 48 -24.87 -5.59 8.51
N THR B 49 -24.10 -5.87 7.46
CA THR B 49 -24.59 -6.61 6.31
C THR B 49 -25.05 -8.00 6.71
N LYS B 50 -24.51 -8.51 7.82
CA LYS B 50 -24.89 -9.84 8.27
C LYS B 50 -26.33 -9.82 8.80
N ASN B 51 -26.82 -8.63 9.11
CA ASN B 51 -28.19 -8.47 9.61
C ASN B 51 -29.06 -7.83 8.52
N ILE B 52 -28.76 -8.15 7.26
CA ILE B 52 -29.51 -7.60 6.15
C ILE B 52 -30.97 -8.04 6.19
N ASP B 53 -31.23 -9.23 6.71
CA ASP B 53 -32.60 -9.70 6.80
C ASP B 53 -33.42 -8.76 7.69
N GLN B 54 -32.79 -8.23 8.72
CA GLN B 54 -33.45 -7.30 9.65
C GLN B 54 -33.78 -5.98 8.95
N VAL B 55 -32.90 -5.58 8.03
CA VAL B 55 -33.11 -4.35 7.29
C VAL B 55 -34.32 -4.53 6.36
N VAL B 56 -34.42 -5.72 5.74
CA VAL B 56 -35.54 -6.01 4.86
C VAL B 56 -36.82 -6.07 5.69
N GLU B 57 -36.76 -6.82 6.79
CA GLU B 57 -37.93 -6.91 7.66
C GLU B 57 -38.39 -5.50 7.97
N TRP B 58 -37.44 -4.65 8.32
CA TRP B 58 -37.70 -3.25 8.65
C TRP B 58 -38.40 -2.53 7.50
N LEU B 59 -37.76 -2.53 6.33
CA LEU B 59 -38.31 -1.86 5.15
C LEU B 59 -39.76 -2.24 4.83
N ASN B 60 -40.06 -3.54 4.82
CA ASN B 60 -41.42 -3.99 4.52
C ASN B 60 -42.45 -3.38 5.47
N GLN B 61 -42.10 -3.32 6.75
CA GLN B 61 -42.99 -2.76 7.76
C GLN B 61 -42.94 -1.23 7.75
N GLN B 62 -42.55 -0.64 6.63
CA GLN B 62 -42.43 0.81 6.52
C GLN B 62 -43.27 1.37 5.36
N GLN B 63 -43.59 2.66 5.44
CA GLN B 63 -44.33 3.33 4.36
C GLN B 63 -43.31 4.19 3.65
N ILE B 64 -42.88 3.75 2.48
CA ILE B 64 -41.86 4.46 1.72
C ILE B 64 -42.36 4.97 0.37
N GLU B 65 -42.18 6.27 0.16
CA GLU B 65 -42.60 6.93 -1.06
C GLU B 65 -41.62 6.58 -2.18
N LYS B 66 -40.37 6.33 -1.83
CA LYS B 66 -39.34 5.99 -2.81
C LYS B 66 -38.12 5.30 -2.20
N LEU B 67 -37.70 4.18 -2.79
CA LEU B 67 -36.56 3.43 -2.29
C LEU B 67 -35.51 3.22 -3.38
N CYS B 68 -34.30 3.73 -3.15
CA CYS B 68 -33.23 3.60 -4.11
C CYS B 68 -32.06 2.86 -3.46
N LEU B 69 -31.56 1.85 -4.16
CA LEU B 69 -30.49 1.01 -3.66
C LEU B 69 -29.22 1.01 -4.50
N THR B 70 -28.12 0.63 -3.85
CA THR B 70 -26.83 0.51 -4.50
C THR B 70 -25.94 -0.36 -3.58
N GLY B 71 -24.77 -0.72 -4.06
CA GLY B 71 -23.88 -1.57 -3.29
C GLY B 71 -24.06 -3.00 -3.77
N GLY B 72 -23.09 -3.85 -3.49
CA GLY B 72 -23.17 -5.24 -3.94
C GLY B 72 -24.34 -6.06 -3.43
N ASN B 73 -24.97 -5.65 -2.34
CA ASN B 73 -26.10 -6.41 -1.80
C ASN B 73 -27.46 -5.77 -2.05
N ALA B 74 -27.50 -4.79 -2.95
CA ALA B 74 -28.75 -4.13 -3.31
C ALA B 74 -29.75 -5.17 -3.81
N GLY B 75 -29.28 -6.05 -4.70
CA GLY B 75 -30.14 -7.08 -5.26
C GLY B 75 -30.84 -7.96 -4.23
N VAL B 76 -30.11 -8.31 -3.18
CA VAL B 76 -30.67 -9.13 -2.12
C VAL B 76 -31.87 -8.40 -1.49
N ILE B 77 -31.71 -7.11 -1.25
CA ILE B 77 -32.77 -6.31 -0.66
C ILE B 77 -33.95 -6.16 -1.64
N ALA B 78 -33.63 -5.87 -2.89
CA ALA B 78 -34.65 -5.67 -3.91
C ALA B 78 -35.60 -6.85 -4.14
N GLU B 79 -35.06 -8.06 -4.22
CA GLU B 79 -35.92 -9.21 -4.44
C GLU B 79 -36.61 -9.76 -3.19
N ASN B 80 -36.43 -9.10 -2.05
CA ASN B 80 -37.07 -9.57 -0.83
C ASN B 80 -37.99 -8.58 -0.16
N ILE B 81 -38.05 -7.36 -0.70
CA ILE B 81 -38.95 -6.36 -0.12
C ILE B 81 -40.30 -6.42 -0.84
N ASN B 82 -41.32 -5.80 -0.28
CA ASN B 82 -42.64 -5.83 -0.90
C ASN B 82 -42.97 -4.67 -1.82
N ILE B 83 -41.97 -3.83 -2.13
CA ILE B 83 -42.20 -2.71 -3.03
C ILE B 83 -41.07 -2.61 -4.06
N PRO B 84 -41.39 -2.06 -5.25
CA PRO B 84 -40.39 -1.91 -6.31
C PRO B 84 -39.34 -0.87 -5.95
N ALA B 85 -38.08 -1.24 -6.12
CA ALA B 85 -36.97 -0.34 -5.82
C ALA B 85 -36.11 -0.12 -7.05
N GLN B 86 -35.41 1.01 -7.07
CA GLN B 86 -34.52 1.34 -8.18
C GLN B 86 -33.08 1.10 -7.73
N ILE B 87 -32.32 0.35 -8.54
CA ILE B 87 -30.95 -0.01 -8.23
C ILE B 87 -29.96 0.75 -9.13
N PHE B 88 -28.95 1.35 -8.50
CA PHE B 88 -27.94 2.14 -9.19
C PHE B 88 -26.51 1.62 -9.00
N VAL B 89 -25.64 2.00 -9.92
CA VAL B 89 -24.23 1.61 -9.90
C VAL B 89 -23.54 2.38 -8.79
N GLU B 90 -22.89 1.67 -7.89
CA GLU B 90 -22.24 2.28 -6.74
C GLU B 90 -21.24 3.40 -7.06
N PHE B 91 -20.41 3.21 -8.09
CA PHE B 91 -19.43 4.25 -8.43
C PHE B 91 -20.13 5.54 -8.77
N ASP B 92 -21.17 5.46 -9.60
CA ASP B 92 -21.90 6.65 -9.98
C ASP B 92 -22.74 7.18 -8.83
N ALA B 93 -23.30 6.29 -8.02
CA ALA B 93 -24.09 6.74 -6.87
C ALA B 93 -23.20 7.51 -5.90
N ALA B 94 -22.05 6.92 -5.54
CA ALA B 94 -21.13 7.60 -4.63
C ALA B 94 -20.71 8.96 -5.20
N SER B 95 -20.35 8.99 -6.47
CA SER B 95 -19.93 10.25 -7.08
C SER B 95 -21.02 11.31 -6.95
N GLN B 96 -22.24 10.93 -7.32
CA GLN B 96 -23.38 11.82 -7.27
C GLN B 96 -23.61 12.31 -5.84
N GLY B 97 -23.68 11.38 -4.89
CA GLY B 97 -23.90 11.73 -3.49
C GLY B 97 -22.78 12.56 -2.89
N LEU B 98 -21.54 12.26 -3.26
CA LEU B 98 -20.41 13.00 -2.74
C LEU B 98 -20.44 14.44 -3.25
N GLY B 99 -20.73 14.58 -4.54
CA GLY B 99 -20.78 15.90 -5.17
C GLY B 99 -21.85 16.78 -4.56
N ILE B 100 -22.89 16.14 -4.02
CA ILE B 100 -23.98 16.88 -3.38
C ILE B 100 -23.51 17.28 -2.00
N LEU B 101 -22.87 16.34 -1.30
CA LEU B 101 -22.38 16.59 0.05
C LEU B 101 -21.32 17.67 0.08
N LEU B 102 -20.63 17.85 -1.05
CA LEU B 102 -19.59 18.87 -1.13
C LEU B 102 -20.28 20.22 -1.35
N LYS B 103 -21.00 20.36 -2.47
CA LYS B 103 -21.71 21.60 -2.79
C LYS B 103 -22.45 22.11 -1.55
N GLU B 104 -23.11 21.21 -0.83
CA GLU B 104 -23.82 21.61 0.36
C GLU B 104 -22.83 22.19 1.37
N GLN B 105 -21.89 21.37 1.81
CA GLN B 105 -20.89 21.80 2.78
C GLN B 105 -19.89 22.84 2.28
N GLY B 106 -20.26 23.57 1.24
CA GLY B 106 -19.44 24.64 0.70
C GLY B 106 -18.26 24.40 -0.22
N HIS B 107 -18.01 23.15 -0.59
CA HIS B 107 -16.87 22.86 -1.46
C HIS B 107 -17.21 22.83 -2.94
N ASP B 108 -16.71 23.84 -3.66
CA ASP B 108 -16.92 23.97 -5.09
C ASP B 108 -15.56 23.71 -5.74
N LEU B 109 -15.39 22.51 -6.30
CA LEU B 109 -14.13 22.12 -6.91
C LEU B 109 -14.24 21.74 -8.39
N ALA B 110 -13.35 22.31 -9.20
CA ALA B 110 -13.35 22.03 -10.63
C ALA B 110 -13.14 20.55 -10.93
N ASP B 111 -12.46 19.85 -10.02
CA ASP B 111 -12.20 18.43 -10.19
C ASP B 111 -11.56 17.84 -8.94
N TYR B 112 -11.44 16.51 -8.91
CA TYR B 112 -10.84 15.85 -7.76
C TYR B 112 -10.75 14.34 -7.87
N ILE B 113 -9.99 13.78 -6.95
CA ILE B 113 -9.82 12.35 -6.86
C ILE B 113 -10.56 12.07 -5.59
N PHE B 114 -11.43 11.07 -5.57
CA PHE B 114 -12.03 10.76 -4.29
C PHE B 114 -11.66 9.32 -3.99
N ALA B 115 -11.36 9.08 -2.72
CA ALA B 115 -10.95 7.76 -2.27
C ALA B 115 -12.03 7.22 -1.37
N ASN B 116 -12.63 6.11 -1.76
CA ASN B 116 -13.67 5.49 -0.96
C ASN B 116 -13.01 4.38 -0.14
N VAL B 117 -12.73 4.68 1.13
CA VAL B 117 -12.08 3.71 2.01
C VAL B 117 -13.09 2.85 2.74
N GLY B 118 -13.51 1.78 2.08
CA GLY B 118 -14.48 0.88 2.66
C GLY B 118 -13.80 -0.37 3.13
N THR B 119 -14.32 -1.52 2.71
CA THR B 119 -13.72 -2.78 3.08
C THR B 119 -12.33 -2.74 2.46
N GLY B 120 -12.29 -2.35 1.19
CA GLY B 120 -11.05 -2.19 0.47
C GLY B 120 -11.08 -0.72 0.07
N THR B 121 -10.17 -0.29 -0.79
CA THR B 121 -10.17 1.12 -1.18
C THR B 121 -10.28 1.30 -2.68
N SER B 122 -11.21 2.15 -3.09
CA SER B 122 -11.43 2.42 -4.50
C SER B 122 -11.06 3.89 -4.77
N LEU B 123 -10.39 4.11 -5.90
CA LEU B 123 -9.96 5.45 -6.32
C LEU B 123 -10.65 5.90 -7.57
N HIS B 124 -11.21 7.10 -7.53
CA HIS B 124 -11.94 7.66 -8.65
C HIS B 124 -11.50 9.08 -9.00
N TYR B 125 -11.56 9.40 -10.28
CA TYR B 125 -11.23 10.75 -10.73
C TYR B 125 -12.51 11.41 -11.26
N PHE B 126 -12.97 12.45 -10.59
CA PHE B 126 -14.16 13.19 -11.01
C PHE B 126 -13.63 14.37 -11.82
N ASP B 127 -13.92 14.39 -13.12
CA ASP B 127 -13.42 15.44 -14.00
C ASP B 127 -14.20 16.75 -14.02
N GLY B 128 -15.22 16.85 -13.17
CA GLY B 128 -16.05 18.05 -13.15
C GLY B 128 -17.43 17.68 -13.66
N GLN B 129 -17.47 16.65 -14.50
CA GLN B 129 -18.73 16.15 -15.04
C GLN B 129 -19.10 14.85 -14.36
N SER B 130 -18.32 13.80 -14.63
CA SER B 130 -18.58 12.50 -14.06
C SER B 130 -17.34 11.84 -13.48
N GLN B 131 -17.56 10.71 -12.81
CA GLN B 131 -16.48 9.97 -12.18
C GLN B 131 -15.99 8.86 -13.10
N ARG B 132 -14.78 8.40 -12.80
CA ARG B 132 -14.11 7.35 -13.55
C ARG B 132 -13.22 6.65 -12.52
N ARG B 133 -13.28 5.32 -12.45
CA ARG B 133 -12.43 4.61 -11.50
C ARG B 133 -11.03 4.57 -12.09
N VAL B 134 -10.03 4.96 -11.30
CA VAL B 134 -8.66 4.97 -11.79
C VAL B 134 -7.73 4.12 -10.93
N GLY B 135 -8.28 3.52 -9.89
CA GLY B 135 -7.48 2.69 -9.00
C GLY B 135 -8.27 1.97 -7.93
N GLY B 136 -7.60 1.02 -7.30
CA GLY B 136 -8.22 0.25 -6.24
C GLY B 136 -7.11 -0.50 -5.51
N ILE B 137 -7.21 -0.59 -4.18
CA ILE B 137 -6.19 -1.28 -3.40
C ILE B 137 -6.82 -2.06 -2.23
N GLY B 138 -6.19 -3.15 -1.84
CA GLY B 138 -6.72 -3.98 -0.76
C GLY B 138 -6.53 -3.45 0.65
N THR B 139 -5.88 -2.30 0.78
CA THR B 139 -5.66 -1.72 2.10
C THR B 139 -6.83 -0.82 2.48
N GLY B 140 -7.52 -1.16 3.56
CA GLY B 140 -8.65 -0.36 3.99
C GLY B 140 -9.20 -0.80 5.33
N GLY B 141 -10.51 -0.64 5.51
CA GLY B 141 -11.14 -1.00 6.75
C GLY B 141 -11.10 -2.48 7.05
N GLY B 142 -11.12 -3.30 6.02
CA GLY B 142 -11.06 -4.74 6.22
C GLY B 142 -9.72 -5.11 6.85
N MET B 143 -8.64 -4.49 6.37
CA MET B 143 -7.30 -4.76 6.87
C MET B 143 -7.18 -4.27 8.30
N ILE B 144 -7.71 -3.09 8.56
CA ILE B 144 -7.69 -2.54 9.91
C ILE B 144 -8.31 -3.55 10.89
N GLN B 145 -9.47 -4.10 10.54
CA GLN B 145 -10.13 -5.08 11.40
C GLN B 145 -9.38 -6.40 11.48
N GLY B 146 -9.00 -6.92 10.30
CA GLY B 146 -8.30 -8.19 10.25
C GLY B 146 -6.90 -8.22 10.82
N LEU B 147 -6.07 -7.28 10.39
CA LEU B 147 -4.71 -7.22 10.92
C LEU B 147 -4.80 -6.74 12.37
N GLY B 148 -5.78 -5.88 12.65
CA GLY B 148 -5.96 -5.40 14.01
C GLY B 148 -6.22 -6.57 14.94
N TYR B 149 -7.03 -7.52 14.49
CA TYR B 149 -7.34 -8.68 15.30
C TYR B 149 -6.08 -9.52 15.53
N LEU B 150 -5.34 -9.79 14.46
CA LEU B 150 -4.14 -10.59 14.57
C LEU B 150 -3.09 -9.99 15.51
N LEU B 151 -3.17 -8.69 15.74
CA LEU B 151 -2.21 -8.01 16.59
C LEU B 151 -2.71 -7.65 17.99
N SER B 152 -3.99 -7.89 18.27
CA SER B 152 -4.53 -7.55 19.58
C SER B 152 -5.65 -8.46 20.05
N GLN B 153 -6.04 -9.43 19.23
CA GLN B 153 -7.11 -10.35 19.56
C GLN B 153 -8.45 -9.66 19.82
N ILE B 154 -8.53 -8.40 19.42
CA ILE B 154 -9.76 -7.62 19.59
C ILE B 154 -10.70 -7.77 18.40
N THR B 155 -11.92 -8.24 18.65
CA THR B 155 -12.91 -8.43 17.60
C THR B 155 -13.88 -7.25 17.51
N ASP B 156 -14.31 -6.74 18.65
CA ASP B 156 -15.23 -5.62 18.66
C ASP B 156 -14.65 -4.38 18.00
N TYR B 157 -15.31 -3.90 16.96
CA TYR B 157 -14.86 -2.74 16.19
C TYR B 157 -14.56 -1.47 17.00
N LYS B 158 -15.56 -0.98 17.74
CA LYS B 158 -15.39 0.21 18.57
C LYS B 158 -14.21 0.05 19.50
N GLN B 159 -14.08 -1.14 20.07
CA GLN B 159 -13.01 -1.47 21.01
C GLN B 159 -11.65 -1.38 20.30
N LEU B 160 -11.54 -2.04 19.15
CA LEU B 160 -10.32 -2.06 18.36
C LEU B 160 -9.85 -0.66 17.99
N THR B 161 -10.74 0.13 17.40
CA THR B 161 -10.41 1.49 16.99
C THR B 161 -10.12 2.45 18.14
N ASP B 162 -10.84 2.29 19.25
CA ASP B 162 -10.60 3.15 20.41
C ASP B 162 -9.18 2.92 20.93
N MET B 163 -8.85 1.65 21.12
CA MET B 163 -7.55 1.22 21.62
C MET B 163 -6.39 1.82 20.83
N ALA B 164 -6.59 1.99 19.53
CA ALA B 164 -5.56 2.51 18.64
C ALA B 164 -5.37 4.03 18.66
N GLN B 165 -6.40 4.76 19.08
CA GLN B 165 -6.32 6.22 19.11
C GLN B 165 -5.13 6.81 19.87
N HIS B 166 -4.78 6.21 21.01
CA HIS B 166 -3.69 6.73 21.83
C HIS B 166 -2.31 6.08 21.69
N GLY B 167 -2.07 5.37 20.60
CA GLY B 167 -0.77 4.73 20.42
C GLY B 167 0.31 5.61 19.83
N ASP B 168 1.56 5.24 20.08
CA ASP B 168 2.72 5.98 19.57
C ASP B 168 3.34 5.08 18.51
N ARG B 169 3.56 5.62 17.31
CA ARG B 169 4.13 4.82 16.22
C ARG B 169 5.64 4.96 16.09
N ASN B 170 6.22 5.83 16.89
CA ASN B 170 7.66 6.07 16.84
C ASN B 170 8.60 4.87 16.97
N THR B 171 8.28 3.90 17.82
CA THR B 171 9.17 2.74 17.96
C THR B 171 8.89 1.68 16.91
N ILE B 172 7.84 1.89 16.13
CA ILE B 172 7.44 0.92 15.12
C ILE B 172 7.80 1.32 13.69
N ASP B 173 7.51 2.56 13.33
CA ASP B 173 7.78 3.05 11.98
C ASP B 173 9.12 3.76 11.80
N LEU B 174 9.76 3.53 10.66
CA LEU B 174 11.02 4.18 10.35
C LEU B 174 10.65 5.41 9.54
N LYS B 175 11.00 6.59 10.06
CA LYS B 175 10.70 7.86 9.40
C LYS B 175 11.93 8.42 8.70
N VAL B 176 11.69 9.35 7.79
CA VAL B 176 12.77 10.01 7.07
C VAL B 176 13.63 10.75 8.09
N ARG B 177 12.99 11.32 9.11
CA ARG B 177 13.71 12.03 10.16
C ARG B 177 14.68 11.08 10.86
N HIS B 178 14.25 9.84 11.05
CA HIS B 178 15.07 8.82 11.71
C HIS B 178 16.33 8.52 10.91
N ILE B 179 16.33 8.91 9.63
CA ILE B 179 17.48 8.69 8.75
C ILE B 179 18.34 9.95 8.66
N PRO B 188 11.57 15.81 3.62
CA PRO B 188 10.30 15.96 4.37
C PRO B 188 10.24 15.00 5.57
N GLY B 189 10.82 15.46 6.67
CA GLY B 189 10.90 14.70 7.90
C GLY B 189 9.88 13.68 8.34
N ASP B 190 8.62 14.10 8.56
CA ASP B 190 7.61 13.17 9.05
C ASP B 190 7.12 12.12 8.07
N LEU B 191 7.69 12.10 6.87
CA LEU B 191 7.32 11.09 5.89
C LEU B 191 7.81 9.73 6.40
N THR B 192 7.07 8.69 6.09
CA THR B 192 7.43 7.34 6.52
C THR B 192 8.32 6.65 5.48
N ALA B 193 9.53 6.31 5.87
CA ALA B 193 10.43 5.62 4.96
C ALA B 193 10.10 4.14 4.92
N ALA B 194 9.61 3.59 6.03
CA ALA B 194 9.26 2.17 6.06
C ALA B 194 8.33 1.82 7.19
N ASN B 195 7.07 1.57 6.86
CA ASN B 195 6.08 1.22 7.88
C ASN B 195 6.57 -0.05 8.57
N PHE B 196 6.52 -0.04 9.89
CA PHE B 196 6.96 -1.16 10.72
C PHE B 196 8.48 -1.38 10.60
N GLY B 197 9.16 -0.49 9.89
CA GLY B 197 10.60 -0.63 9.71
C GLY B 197 11.50 -0.38 10.90
N HIS B 198 10.93 0.10 12.01
CA HIS B 198 11.71 0.39 13.20
C HIS B 198 11.57 -0.71 14.26
N VAL B 199 10.63 -1.60 14.03
CA VAL B 199 10.36 -2.69 14.96
C VAL B 199 11.58 -3.47 15.46
N LEU B 200 12.45 -3.90 14.54
CA LEU B 200 13.63 -4.67 14.92
C LEU B 200 14.68 -3.87 15.68
N HIS B 201 14.57 -2.54 15.67
CA HIS B 201 15.51 -1.69 16.38
C HIS B 201 14.96 -1.31 17.74
N HIS B 202 13.77 -1.80 18.06
CA HIS B 202 13.13 -1.49 19.32
C HIS B 202 12.54 -2.71 20.00
N LEU B 203 13.11 -3.86 19.66
CA LEU B 203 12.67 -5.15 20.19
C LEU B 203 12.52 -5.19 21.71
N ASP B 204 12.72 -4.06 22.37
CA ASP B 204 12.58 -3.98 23.82
C ASP B 204 11.15 -4.40 24.16
N ALA B 205 10.27 -4.23 23.17
CA ALA B 205 8.86 -4.60 23.25
C ALA B 205 7.87 -3.60 23.85
N ASP B 206 8.00 -2.33 23.49
CA ASP B 206 7.04 -1.33 23.95
C ASP B 206 5.99 -1.34 22.84
N PHE B 207 5.68 -2.54 22.38
CA PHE B 207 4.71 -2.75 21.32
C PHE B 207 3.36 -3.07 21.95
N THR B 208 2.79 -2.06 22.61
CA THR B 208 1.51 -2.17 23.27
C THR B 208 0.43 -2.42 22.22
N PRO B 209 -0.72 -2.99 22.62
CA PRO B 209 -1.77 -3.23 21.64
C PRO B 209 -2.13 -1.94 20.93
N SER B 210 -2.05 -0.84 21.67
CA SER B 210 -2.37 0.48 21.14
C SER B 210 -1.37 1.01 20.11
N ASN B 211 -0.08 0.84 20.37
CA ASN B 211 0.93 1.31 19.44
C ASN B 211 0.85 0.47 18.15
N LYS B 212 0.66 -0.83 18.30
CA LYS B 212 0.56 -1.70 17.14
C LYS B 212 -0.63 -1.34 16.26
N LEU B 213 -1.79 -1.19 16.88
CA LEU B 213 -3.01 -0.85 16.15
C LEU B 213 -2.87 0.52 15.48
N ALA B 214 -2.18 1.45 16.12
CA ALA B 214 -2.01 2.76 15.53
C ALA B 214 -1.13 2.64 14.29
N ALA B 215 -0.16 1.72 14.33
CA ALA B 215 0.71 1.52 13.18
C ALA B 215 -0.08 0.88 12.04
N VAL B 216 -1.05 0.05 12.38
CA VAL B 216 -1.87 -0.61 11.38
C VAL B 216 -2.67 0.49 10.68
N ILE B 217 -3.21 1.41 11.46
CA ILE B 217 -3.97 2.51 10.90
C ILE B 217 -3.08 3.46 10.09
N GLY B 218 -1.86 3.66 10.56
CA GLY B 218 -0.94 4.53 9.83
C GLY B 218 -0.58 4.03 8.42
N VAL B 219 -0.22 2.75 8.29
CA VAL B 219 0.12 2.22 6.96
C VAL B 219 -1.10 2.22 6.01
N VAL B 220 -2.30 1.91 6.52
CA VAL B 220 -3.48 1.92 5.67
C VAL B 220 -3.74 3.33 5.14
N GLY B 221 -3.72 4.30 6.06
CA GLY B 221 -3.94 5.68 5.67
C GLY B 221 -2.88 6.21 4.72
N GLU B 222 -1.63 5.87 4.97
CA GLU B 222 -0.53 6.31 4.12
C GLU B 222 -0.55 5.67 2.73
N VAL B 223 -0.86 4.38 2.65
CA VAL B 223 -0.92 3.72 1.33
C VAL B 223 -2.05 4.37 0.53
N VAL B 224 -3.21 4.57 1.16
CA VAL B 224 -4.33 5.19 0.46
C VAL B 224 -3.95 6.58 -0.05
N THR B 225 -3.31 7.35 0.80
CA THR B 225 -2.92 8.70 0.42
C THR B 225 -1.90 8.70 -0.71
N THR B 226 -0.94 7.79 -0.62
CA THR B 226 0.11 7.70 -1.64
C THR B 226 -0.50 7.39 -3.00
N MET B 227 -1.44 6.45 -3.02
CA MET B 227 -2.11 6.10 -4.26
C MET B 227 -2.91 7.29 -4.78
N ALA B 228 -3.70 7.91 -3.90
CA ALA B 228 -4.52 9.06 -4.26
C ALA B 228 -3.61 10.15 -4.83
N ILE B 229 -2.55 10.47 -4.10
CA ILE B 229 -1.57 11.47 -4.50
C ILE B 229 -1.03 11.18 -5.90
N THR B 230 -0.72 9.92 -6.17
CA THR B 230 -0.17 9.54 -7.46
C THR B 230 -1.16 9.68 -8.62
N VAL B 231 -2.38 9.18 -8.46
CA VAL B 231 -3.35 9.31 -9.54
C VAL B 231 -3.83 10.75 -9.67
N ALA B 232 -3.73 11.53 -8.59
CA ALA B 232 -4.11 12.94 -8.67
C ALA B 232 -3.13 13.62 -9.62
N ARG B 233 -1.86 13.25 -9.52
CA ARG B 233 -0.84 13.82 -10.39
C ARG B 233 -1.07 13.39 -11.82
N GLU B 234 -1.40 12.10 -11.97
CA GLU B 234 -1.66 11.54 -13.29
C GLU B 234 -2.84 12.22 -13.97
N PHE B 235 -3.86 12.59 -13.19
CA PHE B 235 -5.03 13.23 -13.76
C PHE B 235 -5.09 14.75 -13.51
N LYS B 236 -3.94 15.29 -13.12
CA LYS B 236 -3.77 16.72 -12.91
C LYS B 236 -4.76 17.45 -12.02
N THR B 237 -4.88 17.00 -10.77
CA THR B 237 -5.78 17.64 -9.83
C THR B 237 -5.11 17.68 -8.46
N GLU B 238 -5.23 18.80 -7.76
CA GLU B 238 -4.63 18.98 -6.45
C GLU B 238 -5.59 18.57 -5.35
N ASN B 239 -6.83 18.28 -5.74
CA ASN B 239 -7.87 17.93 -4.79
C ASN B 239 -8.08 16.43 -4.56
N ILE B 240 -8.23 16.06 -3.30
CA ILE B 240 -8.47 14.67 -2.92
C ILE B 240 -9.49 14.61 -1.79
N VAL B 241 -10.63 13.98 -2.06
CA VAL B 241 -11.69 13.85 -1.06
C VAL B 241 -11.68 12.44 -0.49
N TYR B 242 -11.87 12.31 0.82
CA TYR B 242 -11.87 11.02 1.49
C TYR B 242 -13.21 10.64 2.10
N ILE B 243 -13.74 9.49 1.71
CA ILE B 243 -15.01 9.03 2.26
C ILE B 243 -14.86 7.56 2.60
N GLY B 244 -15.82 7.03 3.36
CA GLY B 244 -15.77 5.63 3.73
C GLY B 244 -16.09 5.39 5.20
N SER B 245 -16.74 4.26 5.48
CA SER B 245 -17.10 3.92 6.85
C SER B 245 -15.85 3.60 7.66
N SER B 246 -14.72 3.45 6.97
CA SER B 246 -13.47 3.13 7.65
C SER B 246 -13.08 4.26 8.58
N PHE B 247 -13.56 5.46 8.29
CA PHE B 247 -13.25 6.61 9.12
C PHE B 247 -14.13 6.69 10.36
N HIS B 248 -15.13 5.80 10.45
CA HIS B 248 -16.05 5.78 11.58
C HIS B 248 -15.45 5.29 12.91
N ASN B 249 -15.51 6.16 13.91
CA ASN B 249 -14.97 5.89 15.25
C ASN B 249 -13.46 5.70 15.17
N ASN B 250 -12.86 6.41 14.23
CA ASN B 250 -11.42 6.34 14.03
C ASN B 250 -10.91 7.70 13.56
N ALA B 251 -10.77 8.63 14.51
CA ALA B 251 -10.28 9.96 14.18
C ALA B 251 -8.81 9.89 13.76
N LEU B 252 -8.11 8.88 14.23
CA LEU B 252 -6.69 8.73 13.88
C LEU B 252 -6.56 8.54 12.37
N LEU B 253 -7.33 7.62 11.79
CA LEU B 253 -7.25 7.40 10.35
C LEU B 253 -7.50 8.68 9.55
N ARG B 254 -8.50 9.47 9.95
CA ARG B 254 -8.77 10.71 9.24
C ARG B 254 -7.61 11.68 9.34
N LYS B 255 -7.03 11.77 10.54
CA LYS B 255 -5.90 12.66 10.77
C LYS B 255 -4.72 12.21 9.93
N VAL B 256 -4.47 10.90 9.91
CA VAL B 256 -3.36 10.35 9.14
C VAL B 256 -3.45 10.76 7.68
N VAL B 257 -4.60 10.52 7.05
CA VAL B 257 -4.75 10.86 5.64
C VAL B 257 -4.68 12.36 5.36
N GLU B 258 -5.30 13.16 6.22
CA GLU B 258 -5.28 14.60 6.01
C GLU B 258 -3.87 15.18 6.10
N ASP B 259 -3.12 14.76 7.12
CA ASP B 259 -1.76 15.27 7.29
C ASP B 259 -0.82 14.81 6.19
N TYR B 260 -0.85 13.51 5.87
CA TYR B 260 0.01 12.96 4.84
C TYR B 260 -0.28 13.59 3.47
N THR B 261 -1.55 13.87 3.20
CA THR B 261 -1.92 14.48 1.92
C THR B 261 -1.25 15.84 1.77
N VAL B 262 -1.09 16.56 2.87
CA VAL B 262 -0.43 17.87 2.81
C VAL B 262 1.04 17.66 2.43
N LEU B 263 1.70 16.73 3.11
CA LEU B 263 3.11 16.44 2.85
C LEU B 263 3.39 16.08 1.39
N ARG B 264 2.48 15.32 0.78
CA ARG B 264 2.65 14.92 -0.60
C ARG B 264 2.28 15.99 -1.63
N GLY B 265 1.88 17.16 -1.16
CA GLY B 265 1.57 18.26 -2.06
C GLY B 265 0.18 18.45 -2.63
N CYS B 266 -0.84 17.95 -1.95
CA CYS B 266 -2.21 18.10 -2.43
C CYS B 266 -3.08 18.57 -1.27
N LYS B 267 -4.30 18.99 -1.56
CA LYS B 267 -5.17 19.43 -0.47
C LYS B 267 -6.25 18.40 -0.21
N PRO B 268 -6.34 17.94 1.05
CA PRO B 268 -7.34 16.95 1.43
C PRO B 268 -8.71 17.60 1.67
N TYR B 269 -9.74 16.77 1.61
CA TYR B 269 -11.10 17.22 1.84
C TYR B 269 -11.83 16.06 2.48
N TYR B 270 -12.43 16.30 3.64
CA TYR B 270 -13.19 15.28 4.31
C TYR B 270 -14.61 15.84 4.42
N VAL B 271 -15.60 14.96 4.19
CA VAL B 271 -17.01 15.32 4.24
C VAL B 271 -17.72 14.60 5.38
N GLU B 272 -18.48 15.33 6.20
CA GLU B 272 -19.16 14.64 7.28
C GLU B 272 -20.22 13.77 6.63
N ASN B 273 -20.43 12.58 7.18
CA ASN B 273 -21.39 11.64 6.63
C ASN B 273 -21.02 11.22 5.20
N GLY B 274 -19.77 11.43 4.83
CA GLY B 274 -19.31 11.06 3.50
C GLY B 274 -19.45 9.57 3.19
N ALA B 275 -19.54 8.76 4.24
CA ALA B 275 -19.70 7.32 4.07
C ALA B 275 -21.08 7.02 3.52
N PHE B 276 -21.97 8.02 3.55
CA PHE B 276 -23.32 7.85 3.05
C PHE B 276 -23.48 8.40 1.64
N SER B 277 -22.36 8.74 1.01
CA SER B 277 -22.35 9.27 -0.34
C SER B 277 -23.18 8.43 -1.34
N GLY B 278 -22.98 7.12 -1.31
CA GLY B 278 -23.72 6.26 -2.22
C GLY B 278 -25.20 6.26 -1.93
N ALA B 279 -25.57 6.14 -0.65
CA ALA B 279 -26.98 6.11 -0.27
C ALA B 279 -27.65 7.38 -0.76
N ILE B 280 -27.01 8.52 -0.50
CA ILE B 280 -27.53 9.80 -0.93
C ILE B 280 -27.58 9.88 -2.46
N GLY B 281 -26.48 9.49 -3.09
CA GLY B 281 -26.41 9.51 -4.54
C GLY B 281 -27.52 8.72 -5.22
N ALA B 282 -27.82 7.55 -4.70
CA ALA B 282 -28.87 6.71 -5.30
C ALA B 282 -30.23 7.40 -5.35
N LEU B 283 -30.51 8.26 -4.38
CA LEU B 283 -31.78 9.00 -4.33
C LEU B 283 -31.78 10.16 -5.29
N TYR B 284 -30.59 10.57 -5.71
CA TYR B 284 -30.49 11.70 -6.60
C TYR B 284 -30.05 11.45 -8.03
N LEU B 285 -29.91 10.19 -8.42
CA LEU B 285 -29.55 9.91 -9.79
C LEU B 285 -30.85 9.83 -10.59
N GLU B 286 -31.94 10.25 -9.96
CA GLU B 286 -33.27 10.25 -10.56
C GLU B 286 -33.18 10.67 -12.03
#